data_7P2J
#
_entry.id   7P2J
#
_cell.length_a   51.617
_cell.length_b   51.617
_cell.length_c   322.633
_cell.angle_alpha   90.000
_cell.angle_beta   90.000
_cell.angle_gamma   120.000
#
_symmetry.space_group_name_H-M   'H 3'
#
loop_
_entity.id
_entity.type
_entity.pdbx_description
1 polymer 'Fucose-binding lectin protein'
2 non-polymer cucurbit[7]uril
3 non-polymer beta-D-mannopyranose
4 non-polymer 'SODIUM ION'
5 water water
#
_entity_poly.entity_id   1
_entity_poly.type   'polypeptide(L)'
_entity_poly.pdbx_seq_one_letter_code
;SSEIAAL(MLY)QEIAAL(MLY)(MLY)EIAAL(MLY)AGASVQTAATSWGTVPSIRVYTANNG(MLY)ITERCWDG
(MLY)GWYTGAFNEPGDNVSVTSWLVGSAIHIRVYASTGTTTTEWCWDGNGWT(MLY)GAYTATN
;
_entity_poly.pdbx_strand_id   A,B
#
loop_
_chem_comp.id
_chem_comp.type
_chem_comp.name
_chem_comp.formula
BMA D-saccharide, beta linking beta-D-mannopyranose 'C6 H12 O6'
NA non-polymer 'SODIUM ION' 'Na 1'
QQ7 non-polymer cucurbit[7]uril 'C42 H42 N28 O14'
#
# COMPACT_ATOMS: atom_id res chain seq x y z
N SER A 2 -47.85 -21.92 53.72
CA SER A 2 -47.76 -21.31 52.41
C SER A 2 -46.33 -21.40 51.87
N GLU A 3 -45.43 -21.96 52.68
CA GLU A 3 -44.03 -22.07 52.28
C GLU A 3 -43.87 -22.97 51.06
N ILE A 4 -44.63 -24.07 51.01
CA ILE A 4 -44.59 -24.95 49.85
C ILE A 4 -45.12 -24.23 48.62
N ALA A 5 -46.13 -23.38 48.81
CA ALA A 5 -46.67 -22.61 47.69
C ALA A 5 -45.67 -21.57 47.22
N ALA A 6 -44.91 -20.98 48.14
CA ALA A 6 -43.84 -20.07 47.75
C ALA A 6 -42.76 -20.79 46.96
N LEU A 7 -42.57 -22.08 47.24
CA LEU A 7 -41.57 -22.88 46.53
C LEU A 7 -42.02 -23.17 45.11
N MLY A 8 -43.32 -23.36 44.94
CA MLY A 8 -43.89 -23.58 43.62
CB MLY A 8 -45.37 -23.98 43.73
C MLY A 8 -43.74 -22.33 42.76
O MLY A 8 -43.43 -22.40 41.57
N GLN A 9 -43.94 -21.17 43.39
CA GLN A 9 -43.75 -19.89 42.73
C GLN A 9 -42.27 -19.64 42.46
N GLU A 10 -41.43 -20.03 43.43
CA GLU A 10 -39.99 -19.85 43.26
C GLU A 10 -39.45 -20.73 42.14
N ILE A 11 -39.97 -21.96 42.02
CA ILE A 11 -39.54 -22.84 40.94
C ILE A 11 -39.94 -22.27 39.58
N ALA A 12 -41.15 -21.70 39.50
CA ALA A 12 -41.58 -21.07 38.25
C ALA A 12 -40.74 -19.84 37.93
N ALA A 13 -40.47 -19.00 38.93
CA ALA A 13 -39.57 -17.87 38.71
C ALA A 13 -38.17 -18.33 38.34
N LEU A 14 -37.74 -19.46 38.89
CA LEU A 14 -36.40 -19.97 38.62
C LEU A 14 -36.27 -20.56 37.23
N MLY A 15 -37.38 -21.08 36.68
CA MLY A 15 -37.36 -21.65 35.33
CB MLY A 15 -38.49 -22.67 35.16
CG MLY A 15 -39.82 -22.10 34.68
CD MLY A 15 -40.83 -23.19 34.40
CE MLY A 15 -40.37 -24.12 33.29
NZ MLY A 15 -41.34 -25.24 33.08
CH1 MLY A 15 -40.79 -26.07 31.99
CH2 MLY A 15 -42.58 -24.64 32.57
C MLY A 15 -37.47 -20.54 34.30
O MLY A 15 -36.98 -20.68 33.17
N MLY A 16 -38.09 -19.44 34.69
CA MLY A 16 -38.24 -18.26 33.82
CB MLY A 16 -39.33 -17.32 34.36
CG MLY A 16 -39.52 -16.07 33.50
CD MLY A 16 -40.51 -15.08 34.11
CE MLY A 16 -39.84 -14.18 35.14
NZ MLY A 16 -40.76 -13.10 35.62
CH1 MLY A 16 -41.02 -12.21 34.49
CH2 MLY A 16 -40.02 -12.31 36.62
C MLY A 16 -36.93 -17.51 33.72
O MLY A 16 -36.57 -16.98 32.67
N GLU A 17 -36.19 -17.49 34.82
CA GLU A 17 -34.98 -16.70 34.88
C GLU A 17 -33.85 -17.32 34.06
N ILE A 18 -33.82 -18.65 33.95
CA ILE A 18 -32.81 -19.32 33.14
C ILE A 18 -33.26 -19.46 31.69
N ALA A 19 -34.55 -19.71 31.47
CA ALA A 19 -35.06 -19.72 30.09
C ALA A 19 -34.76 -18.39 29.41
N ALA A 20 -35.02 -17.28 30.10
CA ALA A 20 -34.86 -15.95 29.50
C ALA A 20 -33.39 -15.65 29.22
N LEU A 21 -32.49 -16.00 30.14
CA LEU A 21 -31.05 -15.85 29.94
C LEU A 21 -30.60 -16.47 28.61
N MLY A 22 -30.68 -17.80 28.53
CA MLY A 22 -30.16 -18.54 27.38
CB MLY A 22 -30.13 -20.03 27.69
CG MLY A 22 -28.81 -20.47 28.29
CD MLY A 22 -27.66 -19.99 27.42
CE MLY A 22 -26.44 -19.63 28.24
NZ MLY A 22 -25.55 -18.69 27.49
CH1 MLY A 22 -25.14 -19.37 26.25
CH2 MLY A 22 -24.34 -18.53 28.29
C MLY A 22 -30.96 -18.27 26.10
O MLY A 22 -30.42 -18.42 24.99
N ALA A 23 -32.22 -17.87 26.23
CA ALA A 23 -33.05 -17.57 25.06
C ALA A 23 -32.47 -16.38 24.31
N GLY A 24 -32.13 -15.33 25.05
CA GLY A 24 -31.50 -14.16 24.45
C GLY A 24 -30.04 -14.33 24.10
N ALA A 25 -29.47 -15.52 24.29
CA ALA A 25 -28.05 -15.77 24.02
C ALA A 25 -27.85 -16.12 22.54
N SER A 26 -26.80 -15.57 21.95
CA SER A 26 -26.50 -15.86 20.56
C SER A 26 -24.98 -15.85 20.36
N VAL A 27 -24.57 -16.24 19.15
CA VAL A 27 -23.16 -16.21 18.79
C VAL A 27 -22.71 -14.77 18.57
N GLN A 28 -21.40 -14.57 18.63
CA GLN A 28 -20.79 -13.26 18.44
C GLN A 28 -19.85 -13.29 17.24
N THR A 29 -19.86 -12.24 16.41
CA THR A 29 -19.07 -12.23 15.19
C THR A 29 -18.19 -10.97 15.09
N ALA A 30 -17.21 -11.05 14.20
CA ALA A 30 -16.35 -9.94 13.83
C ALA A 30 -16.06 -10.05 12.33
N ALA A 31 -15.82 -8.91 11.68
CA ALA A 31 -15.63 -8.90 10.23
C ALA A 31 -14.56 -7.90 9.81
N THR A 32 -13.90 -8.20 8.71
CA THR A 32 -12.88 -7.34 8.12
C THR A 32 -12.91 -7.54 6.62
N SER A 33 -12.35 -6.58 5.87
CA SER A 33 -12.34 -6.71 4.42
C SER A 33 -11.17 -5.93 3.84
N TRP A 34 -10.77 -6.28 2.61
CA TRP A 34 -9.69 -5.57 1.95
C TRP A 34 -9.81 -5.65 0.43
N GLY A 35 -9.18 -4.68 -0.25
CA GLY A 35 -9.20 -4.62 -1.69
C GLY A 35 -10.53 -4.10 -2.26
N THR A 36 -10.60 -4.11 -3.59
CA THR A 36 -11.78 -3.62 -4.31
C THR A 36 -12.73 -4.73 -4.74
N VAL A 37 -12.30 -6.00 -4.71
CA VAL A 37 -13.19 -7.09 -5.08
C VAL A 37 -14.45 -7.11 -4.23
N PRO A 38 -14.39 -7.12 -2.88
CA PRO A 38 -13.24 -7.26 -1.98
C PRO A 38 -13.08 -8.72 -1.52
N SER A 39 -12.08 -8.98 -0.68
CA SER A 39 -12.10 -10.18 0.15
C SER A 39 -12.72 -9.84 1.50
N ILE A 40 -13.51 -10.76 2.03
CA ILE A 40 -14.17 -10.60 3.32
C ILE A 40 -13.82 -11.82 4.18
N ARG A 41 -13.57 -11.58 5.47
CA ARG A 41 -13.40 -12.65 6.44
C ARG A 41 -14.35 -12.38 7.60
N VAL A 42 -15.10 -13.40 8.00
CA VAL A 42 -16.10 -13.30 9.08
C VAL A 42 -15.76 -14.37 10.11
N TYR A 43 -15.50 -13.93 11.35
CA TYR A 43 -15.12 -14.81 12.45
C TYR A 43 -16.31 -14.94 13.39
N THR A 44 -16.64 -16.17 13.79
CA THR A 44 -17.82 -16.43 14.62
C THR A 44 -17.41 -17.19 15.87
N ALA A 45 -17.70 -16.62 17.04
CA ALA A 45 -17.49 -17.30 18.31
C ALA A 45 -18.76 -18.05 18.69
N ASN A 46 -18.67 -19.37 18.81
CA ASN A 46 -19.84 -20.20 19.08
C ASN A 46 -19.43 -21.31 20.03
N ASN A 47 -19.97 -21.27 21.25
CA ASN A 47 -19.78 -22.33 22.24
C ASN A 47 -18.29 -22.52 22.54
N GLY A 48 -17.59 -21.41 22.77
CA GLY A 48 -16.17 -21.45 23.05
C GLY A 48 -15.24 -21.77 21.88
N MLY A 49 -15.80 -21.81 20.67
CA MLY A 49 -15.02 -22.03 19.44
CB MLY A 49 -15.42 -23.33 18.75
CG MLY A 49 -14.69 -24.57 19.25
CD MLY A 49 -15.41 -25.19 20.45
CE MLY A 49 -16.85 -25.58 20.10
NZ MLY A 49 -17.26 -26.90 20.73
CH1 MLY A 49 -17.15 -26.76 22.19
CH2 MLY A 49 -18.68 -27.11 20.41
C MLY A 49 -15.17 -20.89 18.43
O MLY A 49 -16.29 -20.51 18.10
N ILE A 50 -14.05 -20.36 17.95
CA ILE A 50 -14.07 -19.39 16.85
C ILE A 50 -13.66 -20.07 15.55
N THR A 51 -14.47 -19.87 14.51
CA THR A 51 -14.19 -20.37 13.17
C THR A 51 -14.33 -19.21 12.18
N GLU A 52 -13.90 -19.45 10.94
CA GLU A 52 -13.74 -18.42 9.92
C GLU A 52 -14.46 -18.81 8.64
N ARG A 53 -15.13 -17.83 8.00
CA ARG A 53 -15.68 -17.97 6.66
C ARG A 53 -15.11 -16.85 5.79
N CYS A 54 -14.87 -17.18 4.53
CA CYS A 54 -14.07 -16.39 3.60
C CYS A 54 -14.83 -16.15 2.31
N TRP A 55 -14.69 -14.95 1.74
CA TRP A 55 -15.25 -14.62 0.44
C TRP A 55 -14.17 -13.90 -0.37
N ASP A 56 -13.83 -14.44 -1.54
CA ASP A 56 -12.82 -13.80 -2.38
C ASP A 56 -13.40 -13.40 -3.73
N GLY A 57 -14.71 -13.29 -3.84
CA GLY A 57 -15.29 -12.80 -5.08
C GLY A 57 -16.22 -13.77 -5.76
N MLY A 58 -16.11 -15.06 -5.43
CA MLY A 58 -16.90 -16.10 -6.08
CB MLY A 58 -15.96 -17.26 -6.49
CG MLY A 58 -16.59 -18.38 -7.35
CD MLY A 58 -15.49 -19.43 -7.69
CE MLY A 58 -15.98 -20.89 -7.59
NZ MLY A 58 -17.05 -21.16 -8.58
CH1 MLY A 58 -16.51 -20.88 -9.92
CH2 MLY A 58 -17.32 -22.59 -8.59
C MLY A 58 -18.03 -16.61 -5.18
O MLY A 58 -19.19 -16.57 -5.55
N GLY A 59 -17.66 -17.12 -4.00
CA GLY A 59 -18.58 -17.69 -3.04
C GLY A 59 -17.88 -17.85 -1.70
N TRP A 60 -18.61 -18.35 -0.71
CA TRP A 60 -18.12 -18.46 0.66
C TRP A 60 -17.55 -19.85 0.93
N TYR A 61 -16.47 -19.90 1.71
CA TYR A 61 -15.85 -21.18 2.06
C TYR A 61 -15.23 -21.07 3.44
N THR A 62 -14.83 -22.21 3.99
CA THR A 62 -14.32 -22.24 5.34
C THR A 62 -12.82 -21.98 5.34
N GLY A 63 -12.37 -21.07 6.21
CA GLY A 63 -10.96 -20.75 6.29
C GLY A 63 -10.22 -21.59 7.32
N ALA A 64 -8.90 -21.35 7.39
CA ALA A 64 -8.04 -22.12 8.26
C ALA A 64 -8.25 -21.80 9.74
N PHE A 65 -8.74 -20.61 10.07
CA PHE A 65 -8.71 -20.19 11.48
C PHE A 65 -9.65 -21.01 12.34
N ASN A 66 -9.10 -21.56 13.43
CA ASN A 66 -9.85 -22.46 14.32
C ASN A 66 -9.17 -22.42 15.70
N GLU A 67 -9.61 -21.51 16.55
CA GLU A 67 -9.01 -21.34 17.87
C GLU A 67 -10.10 -21.14 18.91
N PRO A 68 -9.81 -21.40 20.18
CA PRO A 68 -10.81 -21.22 21.22
C PRO A 68 -11.05 -19.75 21.59
N GLY A 69 -12.27 -19.48 22.07
CA GLY A 69 -12.63 -18.19 22.60
C GLY A 69 -14.12 -17.97 22.66
N ASP A 70 -14.58 -17.13 23.59
CA ASP A 70 -15.99 -16.74 23.68
C ASP A 70 -16.29 -15.38 23.07
N ASN A 71 -15.27 -14.69 22.57
CA ASN A 71 -15.42 -13.35 22.03
C ASN A 71 -14.29 -13.13 21.02
N VAL A 72 -14.54 -12.29 20.03
CA VAL A 72 -13.58 -12.11 18.95
C VAL A 72 -13.68 -10.69 18.40
N SER A 73 -12.52 -10.12 18.08
CA SER A 73 -12.42 -8.88 17.33
C SER A 73 -11.32 -9.06 16.31
N VAL A 74 -11.23 -8.17 15.33
CA VAL A 74 -10.31 -8.37 14.21
C VAL A 74 -9.96 -7.02 13.60
N THR A 75 -8.73 -6.91 13.09
CA THR A 75 -8.36 -5.80 12.22
C THR A 75 -7.38 -6.34 11.19
N SER A 76 -7.17 -5.60 10.10
CA SER A 76 -6.29 -6.09 9.05
C SER A 76 -5.75 -4.89 8.28
N TRP A 77 -4.67 -5.12 7.55
CA TRP A 77 -4.05 -4.07 6.75
C TRP A 77 -3.31 -4.72 5.59
N LEU A 78 -3.06 -3.92 4.57
CA LEU A 78 -2.37 -4.37 3.38
C LEU A 78 -0.96 -3.80 3.34
N VAL A 79 0.00 -4.64 2.99
CA VAL A 79 1.33 -4.18 2.61
C VAL A 79 1.43 -4.44 1.11
N GLY A 80 1.21 -3.39 0.33
CA GLY A 80 0.99 -3.60 -1.10
C GLY A 80 -0.29 -4.40 -1.27
N SER A 81 -0.17 -5.60 -1.80
CA SER A 81 -1.33 -6.48 -1.94
C SER A 81 -1.34 -7.64 -0.95
N ALA A 82 -0.32 -7.79 -0.11
CA ALA A 82 -0.32 -8.86 0.89
C ALA A 82 -1.22 -8.47 2.06
N ILE A 83 -2.12 -9.37 2.44
CA ILE A 83 -3.00 -9.12 3.58
C ILE A 83 -2.32 -9.59 4.87
N HIS A 84 -2.45 -8.77 5.92
CA HIS A 84 -2.03 -9.14 7.27
C HIS A 84 -3.23 -8.99 8.20
N ILE A 85 -3.49 -10.02 9.01
CA ILE A 85 -4.69 -10.07 9.86
C ILE A 85 -4.26 -10.30 11.30
N ARG A 86 -4.94 -9.62 12.24
CA ARG A 86 -4.79 -9.91 13.66
C ARG A 86 -6.18 -10.15 14.24
N VAL A 87 -6.33 -11.29 14.93
CA VAL A 87 -7.61 -11.69 15.53
C VAL A 87 -7.41 -11.76 17.04
N TYR A 88 -8.32 -11.17 17.81
CA TYR A 88 -8.18 -11.13 19.27
C TYR A 88 -9.23 -12.02 19.90
N ALA A 89 -8.80 -13.14 20.49
CA ALA A 89 -9.71 -14.16 21.01
C ALA A 89 -9.65 -14.18 22.54
N SER A 90 -10.82 -14.15 23.17
CA SER A 90 -10.88 -13.97 24.62
C SER A 90 -11.72 -15.08 25.24
N THR A 91 -11.17 -15.72 26.27
CA THR A 91 -11.89 -16.64 27.13
C THR A 91 -11.65 -16.20 28.57
N GLY A 92 -12.73 -16.06 29.34
CA GLY A 92 -12.59 -15.56 30.70
C GLY A 92 -12.01 -14.16 30.72
N THR A 93 -10.77 -14.02 31.23
CA THR A 93 -10.09 -12.73 31.23
C THR A 93 -8.79 -12.77 30.42
N THR A 94 -8.64 -13.79 29.56
CA THR A 94 -7.39 -14.04 28.84
C THR A 94 -7.59 -13.76 27.36
N THR A 95 -6.93 -12.72 26.85
CA THR A 95 -7.03 -12.39 25.43
C THR A 95 -5.77 -12.86 24.70
N THR A 96 -5.97 -13.66 23.66
CA THR A 96 -4.88 -14.17 22.84
C THR A 96 -4.95 -13.57 21.45
N GLU A 97 -3.84 -12.99 20.99
CA GLU A 97 -3.71 -12.47 19.63
C GLU A 97 -3.21 -13.55 18.67
N TRP A 98 -3.84 -13.62 17.52
CA TRP A 98 -3.48 -14.56 16.45
C TRP A 98 -3.15 -13.78 15.19
N CYS A 99 -2.11 -14.22 14.48
CA CYS A 99 -1.50 -13.43 13.41
C CYS A 99 -1.55 -14.22 12.11
N TRP A 100 -2.09 -13.59 11.06
CA TRP A 100 -1.95 -14.10 9.70
C TRP A 100 -1.03 -13.16 8.94
N ASP A 101 0.09 -13.68 8.45
CA ASP A 101 1.00 -12.86 7.67
C ASP A 101 1.37 -13.53 6.36
N GLY A 102 0.52 -14.43 5.86
CA GLY A 102 0.69 -15.01 4.55
C GLY A 102 1.13 -16.46 4.55
N ASN A 103 1.53 -16.98 5.72
CA ASN A 103 2.04 -18.38 5.78
C ASN A 103 1.60 -19.09 7.08
N GLY A 104 0.32 -19.03 7.41
CA GLY A 104 -0.21 -19.72 8.57
C GLY A 104 -0.46 -18.81 9.76
N TRP A 105 -1.40 -19.21 10.59
CA TRP A 105 -1.72 -18.46 11.81
C TRP A 105 -0.71 -18.75 12.91
N THR A 106 -0.29 -17.69 13.61
CA THR A 106 0.67 -17.85 14.70
C THR A 106 0.26 -16.99 15.89
N MLY A 107 0.70 -17.40 17.08
CA MLY A 107 0.39 -16.62 18.27
CB MLY A 107 0.64 -17.43 19.54
CG MLY A 107 0.15 -16.75 20.82
CD MLY A 107 0.02 -17.78 21.96
CE MLY A 107 -0.83 -18.99 21.52
NZ MLY A 107 -0.94 -20.12 22.52
CH1 MLY A 107 -1.73 -21.18 21.89
CH2 MLY A 107 0.41 -20.69 22.68
C MLY A 107 1.20 -15.32 18.29
O MLY A 107 2.42 -15.31 18.03
N GLY A 108 0.52 -14.23 18.61
CA GLY A 108 1.16 -12.93 18.60
C GLY A 108 1.68 -12.50 19.97
N ALA A 109 2.43 -11.41 19.98
CA ALA A 109 3.07 -10.88 21.17
C ALA A 109 2.11 -10.16 22.12
N TYR A 110 0.84 -9.96 21.75
CA TYR A 110 -0.06 -9.16 22.58
C TYR A 110 -0.16 -9.71 23.99
N THR A 111 -0.09 -8.81 24.98
CA THR A 111 -0.50 -9.10 26.34
C THR A 111 -1.45 -8.01 26.81
N ALA A 112 -2.28 -8.36 27.81
CA ALA A 112 -3.30 -7.44 28.29
C ALA A 112 -2.75 -6.40 29.27
N THR A 113 -1.79 -6.77 30.11
CA THR A 113 -1.14 -5.81 31.00
C THR A 113 0.36 -6.03 30.96
N ASN A 114 1.10 -4.93 31.01
CA ASN A 114 2.56 -4.97 30.96
C ASN A 114 3.11 -5.60 32.25
N SER B 2 25.63 43.93 -55.20
CA SER B 2 24.20 43.78 -54.94
C SER B 2 23.87 42.36 -54.49
N GLU B 3 24.16 41.38 -55.36
CA GLU B 3 23.89 39.99 -55.02
C GLU B 3 24.76 39.53 -53.86
N ILE B 4 26.02 39.96 -53.82
CA ILE B 4 26.90 39.61 -52.72
C ILE B 4 26.41 40.23 -51.42
N ALA B 5 25.90 41.47 -51.49
CA ALA B 5 25.35 42.11 -50.31
C ALA B 5 24.11 41.39 -49.80
N ALA B 6 23.27 40.91 -50.72
CA ALA B 6 22.09 40.15 -50.32
C ALA B 6 22.49 38.83 -49.67
N LEU B 7 23.55 38.20 -50.16
CA LEU B 7 24.03 36.94 -49.60
C LEU B 7 24.57 37.16 -48.19
N MLY B 8 25.20 38.32 -47.97
CA MLY B 8 25.74 38.67 -46.66
CB MLY B 8 26.68 39.88 -46.78
C MLY B 8 24.63 38.95 -45.67
O MLY B 8 24.74 38.63 -44.49
N GLN B 9 23.56 39.57 -46.16
CA GLN B 9 22.39 39.84 -45.34
C GLN B 9 21.71 38.53 -44.93
N GLU B 10 21.65 37.58 -45.88
CA GLU B 10 21.07 36.28 -45.59
C GLU B 10 21.90 35.53 -44.56
N ILE B 11 23.23 35.65 -44.65
CA ILE B 11 24.11 35.00 -43.67
C ILE B 11 23.91 35.61 -42.30
N ALA B 12 23.76 36.95 -42.24
CA ALA B 12 23.51 37.61 -40.96
C ALA B 12 22.16 37.18 -40.39
N ALA B 13 21.14 37.05 -41.24
CA ALA B 13 19.85 36.56 -40.77
C ALA B 13 19.96 35.13 -40.25
N LEU B 14 20.76 34.30 -40.91
CA LEU B 14 20.97 32.92 -40.50
C LEU B 14 21.68 32.86 -39.15
N MLY B 15 22.58 33.82 -38.91
CA MLY B 15 23.32 33.90 -37.65
CB MLY B 15 24.52 34.84 -37.80
CG MLY B 15 25.42 34.93 -36.57
CD MLY B 15 26.13 33.61 -36.32
CE MLY B 15 27.13 33.73 -35.17
NZ MLY B 15 28.21 34.71 -35.44
CH1 MLY B 15 28.98 34.21 -36.60
CH2 MLY B 15 29.13 34.65 -34.30
C MLY B 15 22.41 34.38 -36.51
O MLY B 15 22.64 34.06 -35.35
N MLY B 16 21.39 35.15 -36.88
CA MLY B 16 20.41 35.64 -35.92
CB MLY B 16 19.72 36.90 -36.45
CG MLY B 16 18.84 37.60 -35.43
CD MLY B 16 18.39 38.97 -35.93
CE MLY B 16 17.63 39.73 -34.86
NZ MLY B 16 17.35 41.14 -35.26
CH1 MLY B 16 16.36 41.07 -36.34
CH2 MLY B 16 16.68 41.79 -34.12
C MLY B 16 19.37 34.57 -35.58
O MLY B 16 18.83 34.54 -34.47
N GLU B 17 19.09 33.69 -36.55
CA GLU B 17 18.18 32.58 -36.29
C GLU B 17 18.83 31.56 -35.34
N ILE B 18 20.12 31.26 -35.57
CA ILE B 18 20.82 30.28 -34.74
C ILE B 18 20.91 30.77 -33.29
N ALA B 19 21.17 32.06 -33.09
CA ALA B 19 21.24 32.59 -31.74
C ALA B 19 19.86 32.51 -31.05
N ALA B 20 18.80 32.87 -31.77
CA ALA B 20 17.46 32.87 -31.20
C ALA B 20 16.99 31.46 -30.85
N LEU B 21 17.32 30.48 -31.70
CA LEU B 21 17.02 29.08 -31.43
C LEU B 21 17.74 28.60 -30.16
N MLY B 22 18.97 29.08 -29.99
CA MLY B 22 19.75 28.79 -28.79
CB MLY B 22 21.19 29.31 -28.95
CG MLY B 22 22.25 28.23 -29.19
CD MLY B 22 23.65 28.77 -28.94
CE MLY B 22 24.67 27.65 -28.78
NZ MLY B 22 25.03 27.38 -27.35
CH1 MLY B 22 24.11 26.37 -26.83
CH2 MLY B 22 26.36 26.76 -27.36
C MLY B 22 19.10 29.41 -27.56
O MLY B 22 19.10 28.81 -26.48
N ALA B 23 18.52 30.59 -27.73
CA ALA B 23 17.96 31.36 -26.64
C ALA B 23 16.75 30.66 -26.02
N GLY B 24 15.82 30.20 -26.86
CA GLY B 24 14.67 29.46 -26.36
C GLY B 24 14.98 28.11 -25.75
N ALA B 25 16.24 27.68 -25.77
CA ALA B 25 16.62 26.36 -25.27
C ALA B 25 16.73 26.38 -23.75
N SER B 26 16.26 25.30 -23.12
CA SER B 26 16.31 25.22 -21.67
C SER B 26 16.50 23.77 -21.26
N VAL B 27 16.69 23.58 -19.96
CA VAL B 27 16.77 22.23 -19.40
C VAL B 27 15.36 21.66 -19.28
N GLN B 28 15.26 20.34 -19.29
CA GLN B 28 13.98 19.64 -19.17
C GLN B 28 13.96 18.81 -17.89
N THR B 29 12.81 18.79 -17.21
CA THR B 29 12.71 18.17 -15.89
C THR B 29 11.51 17.25 -15.80
N ALA B 30 11.53 16.44 -14.73
CA ALA B 30 10.47 15.49 -14.40
C ALA B 30 10.46 15.33 -12.89
N ALA B 31 9.26 15.14 -12.33
CA ALA B 31 9.09 15.09 -10.88
C ALA B 31 8.12 13.98 -10.47
N THR B 32 8.31 13.48 -9.26
CA THR B 32 7.44 12.49 -8.65
C THR B 32 7.50 12.70 -7.15
N SER B 33 6.49 12.20 -6.44
CA SER B 33 6.44 12.38 -5.00
C SER B 33 5.67 11.23 -4.40
N TRP B 34 5.84 11.01 -3.10
CA TRP B 34 5.10 9.93 -2.47
C TRP B 34 4.93 10.20 -0.98
N GLY B 35 3.91 9.58 -0.40
CA GLY B 35 3.67 9.70 1.03
C GLY B 35 3.06 11.04 1.40
N THR B 36 2.87 11.22 2.71
CA THR B 36 2.25 12.43 3.25
C THR B 36 3.24 13.51 3.68
N VAL B 37 4.54 13.24 3.77
CA VAL B 37 5.49 14.28 4.19
C VAL B 37 5.47 15.43 3.21
N PRO B 38 5.68 15.23 1.90
CA PRO B 38 6.03 14.03 1.13
C PRO B 38 7.54 13.90 0.88
N SER B 39 7.98 12.80 0.30
CA SER B 39 9.26 12.78 -0.38
C SER B 39 9.07 13.19 -1.83
N ILE B 40 9.99 14.00 -2.34
CA ILE B 40 9.92 14.51 -3.70
C ILE B 40 11.23 14.19 -4.41
N ARG B 41 11.15 13.79 -5.68
CA ARG B 41 12.33 13.63 -6.51
C ARG B 41 12.14 14.44 -7.78
N VAL B 42 13.17 15.18 -8.17
CA VAL B 42 13.16 16.03 -9.36
C VAL B 42 14.37 15.67 -10.21
N TYR B 43 14.14 15.27 -11.46
CA TYR B 43 15.18 14.86 -12.40
C TYR B 43 15.38 15.97 -13.41
N THR B 44 16.63 16.34 -13.69
CA THR B 44 16.92 17.42 -14.62
C THR B 44 17.86 16.92 -15.71
N ALA B 45 17.42 17.03 -16.96
CA ALA B 45 18.26 16.73 -18.12
C ALA B 45 18.91 18.02 -18.58
N ASN B 46 20.24 18.04 -18.60
CA ASN B 46 20.99 19.26 -18.87
C ASN B 46 22.20 18.88 -19.70
N ASN B 47 22.21 19.35 -20.96
CA ASN B 47 23.30 19.10 -21.91
C ASN B 47 23.75 17.63 -21.87
N GLY B 48 22.78 16.74 -22.02
CA GLY B 48 23.06 15.32 -22.10
C GLY B 48 23.25 14.56 -20.79
N MLY B 49 23.20 15.25 -19.66
CA MLY B 49 23.28 14.60 -18.34
CB MLY B 49 24.45 15.16 -17.54
CG MLY B 49 25.82 14.95 -18.15
CD MLY B 49 26.12 13.47 -18.37
CE MLY B 49 27.52 13.28 -18.93
NZ MLY B 49 27.58 12.14 -19.91
CH1 MLY B 49 26.37 12.19 -20.75
CH2 MLY B 49 27.55 10.89 -19.12
C MLY B 49 21.98 14.76 -17.53
O MLY B 49 21.43 15.86 -17.45
N ILE B 50 21.53 13.66 -16.93
CA ILE B 50 20.40 13.70 -16.00
C ILE B 50 20.89 13.49 -14.57
N THR B 51 20.49 14.40 -13.69
CA THR B 51 20.84 14.30 -12.28
C THR B 51 19.56 14.41 -11.46
N GLU B 52 19.66 14.22 -10.15
CA GLU B 52 18.51 14.04 -9.27
C GLU B 52 18.66 14.90 -8.03
N ARG B 53 17.61 15.66 -7.70
CA ARG B 53 17.53 16.35 -6.41
C ARG B 53 16.39 15.74 -5.60
N CYS B 54 16.57 15.73 -4.28
CA CYS B 54 15.73 14.97 -3.35
C CYS B 54 15.29 15.88 -2.20
N TRP B 55 14.02 15.73 -1.82
CA TRP B 55 13.46 16.36 -0.64
C TRP B 55 12.78 15.28 0.21
N ASP B 56 13.19 15.15 1.47
CA ASP B 56 12.54 14.20 2.37
C ASP B 56 11.90 14.90 3.57
N GLY B 57 11.64 16.21 3.46
CA GLY B 57 10.98 16.91 4.54
C GLY B 57 11.82 17.90 5.29
N MLY B 58 13.12 17.91 5.04
CA MLY B 58 14.03 18.81 5.76
CB MLY B 58 15.16 17.98 6.42
CG MLY B 58 16.11 18.76 7.32
CD MLY B 58 17.18 17.83 7.94
CE MLY B 58 18.59 18.39 7.83
NZ MLY B 58 18.75 19.55 8.72
CH1 MLY B 58 18.51 19.10 10.08
CH2 MLY B 58 20.15 19.98 8.66
C MLY B 58 14.62 19.87 4.83
O MLY B 58 14.44 21.07 5.03
N GLY B 59 15.33 19.42 3.79
CA GLY B 59 15.91 20.30 2.79
C GLY B 59 16.21 19.49 1.53
N TRP B 60 16.73 20.17 0.52
CA TRP B 60 17.09 19.56 -0.75
C TRP B 60 18.53 19.07 -0.73
N TYR B 61 18.77 17.91 -1.33
CA TYR B 61 20.11 17.35 -1.46
C TYR B 61 20.19 16.55 -2.74
N THR B 62 21.41 16.14 -3.08
CA THR B 62 21.66 15.46 -4.34
C THR B 62 21.54 13.96 -4.20
N GLY B 63 20.75 13.33 -5.10
CA GLY B 63 20.54 11.90 -5.05
C GLY B 63 21.53 11.13 -5.90
N ALA B 64 21.46 9.82 -5.78
CA ALA B 64 22.40 8.93 -6.46
C ALA B 64 22.23 8.90 -7.98
N PHE B 65 21.04 9.21 -8.51
CA PHE B 65 20.82 8.99 -9.94
C PHE B 65 21.72 9.88 -10.78
N ASN B 66 22.39 9.28 -11.78
CA ASN B 66 23.28 10.04 -12.70
C ASN B 66 23.53 9.21 -13.97
N GLU B 67 22.73 9.43 -15.01
CA GLU B 67 22.83 8.68 -16.26
C GLU B 67 22.65 9.64 -17.43
N PRO B 68 23.12 9.27 -18.63
CA PRO B 68 22.99 10.17 -19.78
C PRO B 68 21.56 10.27 -20.29
N GLY B 69 21.29 11.38 -20.97
CA GLY B 69 20.04 11.55 -21.68
C GLY B 69 19.73 13.02 -21.92
N ASP B 70 18.93 13.26 -22.96
CA ASP B 70 18.45 14.60 -23.31
C ASP B 70 16.98 14.82 -22.93
N ASN B 71 16.24 13.77 -22.60
CA ASN B 71 14.86 13.86 -22.17
C ASN B 71 14.65 12.87 -21.03
N VAL B 72 13.68 13.14 -20.15
CA VAL B 72 13.46 12.29 -18.99
C VAL B 72 12.00 12.37 -18.56
N SER B 73 11.47 11.23 -18.13
CA SER B 73 10.16 11.15 -17.49
C SER B 73 10.29 10.17 -16.34
N VAL B 74 9.28 10.12 -15.48
CA VAL B 74 9.39 9.37 -14.24
C VAL B 74 8.01 8.95 -13.77
N THR B 75 7.94 7.81 -13.09
CA THR B 75 6.73 7.41 -12.37
C THR B 75 7.20 6.59 -11.17
N SER B 76 6.33 6.43 -10.19
CA SER B 76 6.73 5.73 -8.97
C SER B 76 5.49 5.18 -8.28
N TRP B 77 5.71 4.19 -7.43
CA TRP B 77 4.61 3.62 -6.66
C TRP B 77 5.15 3.10 -5.35
N LEU B 78 4.25 2.90 -4.40
CA LEU B 78 4.60 2.39 -3.08
C LEU B 78 4.11 0.96 -2.96
N VAL B 79 4.94 0.13 -2.33
CA VAL B 79 4.55 -1.18 -1.85
C VAL B 79 4.64 -1.11 -0.34
N GLY B 80 3.51 -0.87 0.31
CA GLY B 80 3.58 -0.52 1.72
C GLY B 80 4.28 0.84 1.84
N SER B 81 5.40 0.87 2.57
CA SER B 81 6.17 2.11 2.67
C SER B 81 7.42 2.14 1.80
N ALA B 82 7.68 1.07 1.03
CA ALA B 82 8.85 1.04 0.16
C ALA B 82 8.55 1.74 -1.16
N ILE B 83 9.45 2.63 -1.59
CA ILE B 83 9.26 3.35 -2.84
C ILE B 83 9.93 2.59 -3.97
N HIS B 84 9.27 2.54 -5.12
CA HIS B 84 9.82 2.00 -6.35
C HIS B 84 9.69 3.07 -7.42
N ILE B 85 10.78 3.32 -8.16
CA ILE B 85 10.88 4.43 -9.10
C ILE B 85 11.35 3.89 -10.44
N ARG B 86 10.78 4.41 -11.53
CA ARG B 86 11.21 4.09 -12.88
C ARG B 86 11.44 5.40 -13.60
N VAL B 87 12.66 5.59 -14.11
CA VAL B 87 13.06 6.80 -14.82
C VAL B 87 13.36 6.42 -16.27
N TYR B 88 12.75 7.12 -17.22
CA TYR B 88 12.92 6.82 -18.64
C TYR B 88 13.80 7.92 -19.25
N ALA B 89 15.03 7.56 -19.59
CA ALA B 89 16.01 8.49 -20.13
C ALA B 89 16.15 8.27 -21.63
N SER B 90 16.17 9.36 -22.38
CA SER B 90 16.16 9.27 -23.84
C SER B 90 17.29 10.08 -24.44
N THR B 91 18.02 9.45 -25.36
CA THR B 91 19.00 10.11 -26.20
C THR B 91 18.72 9.72 -27.64
N GLY B 92 18.54 10.71 -28.51
CA GLY B 92 18.24 10.41 -29.90
C GLY B 92 16.93 9.67 -30.09
N THR B 93 17.00 8.35 -30.34
CA THR B 93 15.82 7.51 -30.42
C THR B 93 15.89 6.31 -29.47
N THR B 94 16.85 6.31 -28.53
CA THR B 94 17.09 5.17 -27.64
C THR B 94 16.67 5.55 -26.22
N THR B 95 15.63 4.87 -25.71
CA THR B 95 15.10 5.14 -24.38
C THR B 95 15.46 4.00 -23.47
N THR B 96 16.18 4.32 -22.40
CA THR B 96 16.60 3.35 -21.41
C THR B 96 15.76 3.51 -20.14
N GLU B 97 15.25 2.39 -19.63
CA GLU B 97 14.58 2.37 -18.32
C GLU B 97 15.56 2.13 -17.19
N TRP B 98 15.48 2.97 -16.16
CA TRP B 98 16.28 2.84 -14.94
C TRP B 98 15.36 2.56 -13.76
N CYS B 99 15.76 1.64 -12.89
CA CYS B 99 14.89 1.13 -11.84
C CYS B 99 15.53 1.38 -10.48
N TRP B 100 14.76 1.95 -9.56
CA TRP B 100 15.11 2.01 -8.15
C TRP B 100 14.14 1.12 -7.39
N ASP B 101 14.66 0.10 -6.71
CA ASP B 101 13.79 -0.74 -5.89
C ASP B 101 14.35 -0.88 -4.49
N GLY B 102 14.98 0.17 -3.97
CA GLY B 102 15.44 0.20 -2.58
C GLY B 102 16.88 -0.24 -2.38
N ASN B 103 17.60 -0.54 -3.47
CA ASN B 103 19.00 -1.01 -3.34
C ASN B 103 19.82 -0.64 -4.58
N GLY B 104 19.86 0.65 -4.93
CA GLY B 104 20.66 1.09 -6.09
C GLY B 104 19.88 1.08 -7.39
N TRP B 105 20.33 1.86 -8.37
CA TRP B 105 19.72 1.91 -9.69
C TRP B 105 20.22 0.77 -10.57
N THR B 106 19.31 0.17 -11.33
CA THR B 106 19.62 -0.92 -12.23
C THR B 106 18.87 -0.70 -13.55
N MLY B 107 19.44 -1.18 -14.64
CA MLY B 107 18.81 -1.02 -15.95
CB MLY B 107 19.82 -1.30 -17.06
CG MLY B 107 19.31 -1.04 -18.48
CD MLY B 107 20.48 -0.99 -19.50
CE MLY B 107 21.45 0.15 -19.16
NZ MLY B 107 22.60 0.38 -20.13
CH1 MLY B 107 23.76 0.80 -19.33
CH2 MLY B 107 22.94 -0.91 -20.77
C MLY B 107 17.58 -1.91 -16.08
O MLY B 107 17.59 -3.06 -15.66
N GLY B 108 16.51 -1.39 -16.66
CA GLY B 108 15.28 -2.16 -16.71
C GLY B 108 15.03 -2.81 -18.02
N ALA B 109 14.08 -3.73 -18.03
CA ALA B 109 13.72 -4.50 -19.21
C ALA B 109 13.04 -3.69 -20.30
N TYR B 110 12.76 -2.40 -20.12
CA TYR B 110 11.98 -1.68 -21.12
C TYR B 110 12.69 -1.68 -22.47
N THR B 111 11.93 -1.94 -23.52
CA THR B 111 12.36 -1.74 -24.89
C THR B 111 11.25 -1.00 -25.64
N ALA B 112 11.64 -0.31 -26.71
CA ALA B 112 10.65 0.48 -27.45
C ALA B 112 9.88 -0.35 -28.47
N THR B 113 10.49 -1.36 -29.07
CA THR B 113 9.84 -2.10 -30.15
C THR B 113 10.09 -3.60 -29.96
N ASN B 114 9.24 -4.39 -30.62
CA ASN B 114 9.19 -5.84 -30.39
C ASN B 114 8.47 -6.06 -29.06
N01 QQ7 C . -11.62 -18.26 -8.60
C01 QQ7 C . -10.90 -19.05 -9.58
C02 QQ7 C . -11.61 -18.70 -10.92
N02 QQ7 C . -11.06 -20.49 -9.49
N03 QQ7 C . -12.68 -17.81 -10.50
N04 QQ7 C . -12.03 -19.98 -11.43
C03 QQ7 C . -13.56 -17.10 -11.41
C04 QQ7 C . -11.15 -18.04 -7.25
C05 QQ7 C . -12.66 -17.56 -9.15
C06 QQ7 C . -12.47 -20.22 -12.79
C07 QQ7 C . -10.37 -21.34 -8.54
C08 QQ7 C . -11.76 -21.01 -10.56
O01 QQ7 C . -13.39 -16.77 -8.55
O02 QQ7 C . -12.03 -22.18 -10.72
N05 QQ7 C . -14.62 -17.89 -11.99
N06 QQ7 C . -13.89 -20.00 -13.01
C09 QQ7 C . -14.48 -18.69 -13.19
C10 QQ7 C . -15.92 -17.81 -11.57
C11 QQ7 C . -14.77 -21.02 -13.24
O03 QQ7 C . -14.52 -22.20 -13.18
N07 QQ7 C . -15.98 -20.47 -13.61
O04 QQ7 C . -16.32 -17.24 -10.56
N08 QQ7 C . -16.73 -18.41 -12.51
C12 QQ7 C . -15.96 -19.02 -13.58
C13 QQ7 C . -17.07 -21.26 -14.12
C14 QQ7 C . -18.17 -18.21 -12.57
N09 QQ7 C . -18.97 -19.35 -12.19
N10 QQ7 C . -18.17 -21.43 -13.21
N11 QQ7 C . -11.44 -19.12 -6.32
N12 QQ7 C . -10.92 -21.35 -7.20
C15 QQ7 C . -19.25 -20.48 -13.06
C16 QQ7 C . -18.41 -22.60 -12.53
C17 QQ7 C . -19.75 -19.37 -11.06
O05 QQ7 C . -17.69 -23.58 -12.52
N13 QQ7 C . -19.67 -22.54 -11.97
O06 QQ7 C . -19.70 -18.55 -10.16
N14 QQ7 C . -20.59 -20.44 -11.13
C18 QQ7 C . -20.33 -21.28 -12.27
C19 QQ7 C . -10.66 -20.33 -6.20
C20 QQ7 C . -12.38 -19.00 -5.33
C21 QQ7 C . -11.54 -22.45 -6.67
O07 QQ7 C . -11.90 -23.44 -7.31
N15 QQ7 C . -11.64 -22.28 -5.33
O08 QQ7 C . -13.14 -18.07 -5.17
N16 QQ7 C . -12.25 -20.07 -4.48
C22 QQ7 C . -11.19 -20.98 -4.90
N17 QQ7 C . -13.36 -23.36 -3.99
N18 QQ7 C . -14.07 -21.16 -3.23
C23 QQ7 C . -14.28 -24.25 -4.48
C24 QQ7 C . -13.89 -22.55 -2.91
C25 QQ7 C . -15.38 -20.81 -3.34
O09 QQ7 C . -15.81 -19.71 -3.60
N19 QQ7 C . -16.15 -21.91 -3.03
O10 QQ7 C . -14.12 -25.01 -5.42
N20 QQ7 C . -15.42 -24.15 -3.72
C26 QQ7 C . -17.57 -21.83 -2.76
C27 QQ7 C . -15.34 -23.08 -2.74
C28 QQ7 C . -16.47 -25.14 -3.74
N21 QQ7 C . -18.44 -22.48 -3.73
N22 QQ7 C . -17.70 -24.72 -4.38
C29 QQ7 C . -19.31 -21.79 -4.52
C30 QQ7 C . -18.70 -23.91 -3.72
C31 QQ7 C . -18.12 -25.22 -5.58
O11 QQ7 C . -17.47 -25.91 -6.33
N23 QQ7 C . -19.44 -24.86 -5.75
O12 QQ7 C . -19.33 -20.59 -4.69
N24 QQ7 C . -20.24 -22.68 -5.01
C32 QQ7 C . -20.26 -25.39 -6.82
C33 QQ7 C . -21.46 -22.26 -5.66
C34 QQ7 C . -19.94 -24.04 -4.66
N25 QQ7 C . -21.42 -22.32 -7.12
N26 QQ7 C . -20.54 -24.46 -7.90
C35 QQ7 C . -21.33 -21.20 -7.89
C36 QQ7 C . -21.64 -23.52 -7.89
C37 QQ7 C . -19.90 -24.50 -9.10
O13 QQ7 C . -18.94 -25.21 -9.38
N27 QQ7 C . -20.55 -23.67 -9.98
O QQ7 C . -21.14 -20.06 -7.49
N QQ7 C . -21.53 -21.57 -9.19
C38 QQ7 C . -21.68 -23.00 -9.35
C39 QQ7 C . -11.98 -23.36 -4.42
C40 QQ7 C . -12.98 -20.19 -3.23
C41 QQ7 C . -21.73 -20.60 -10.25
C QQ7 C . -20.32 -23.70 -11.41
C1 BMA D . 2.72 -7.18 15.22
C2 BMA D . 1.82 -7.28 16.49
C3 BMA D . 2.53 -8.26 17.49
C4 BMA D . 2.85 -9.62 16.78
C5 BMA D . 3.74 -9.40 15.53
C6 BMA D . 4.11 -10.75 14.84
O1 BMA D . 2.09 -6.37 14.30
O2 BMA D . 0.51 -7.82 16.17
O3 BMA D . 1.78 -8.48 18.67
O4 BMA D . 3.48 -10.56 17.68
O5 BMA D . 3.02 -8.47 14.59
O6 BMA D . 4.04 -10.65 13.40
C1 BMA E . -6.38 -15.78 4.70
C2 BMA E . -6.78 -16.20 6.14
C3 BMA E . -6.76 -17.71 6.28
C4 BMA E . -7.58 -18.39 5.17
C5 BMA E . -7.15 -17.89 3.76
C6 BMA E . -8.09 -18.42 2.64
O1 BMA E . -6.75 -14.42 4.61
O2 BMA E . -8.14 -15.68 6.45
O3 BMA E . -7.27 -18.15 7.53
O4 BMA E . -7.47 -19.82 5.23
O5 BMA E . -7.15 -16.44 3.70
O6 BMA E . -7.34 -18.43 1.44
NA NA F . -12.33 -25.93 -7.21
N01 QQ7 G . 17.52 19.12 13.81
C01 QQ7 G . 16.09 19.00 13.61
C02 QQ7 G . 15.90 17.46 13.40
N02 QQ7 G . 15.58 19.57 12.38
N03 QQ7 G . 17.26 16.95 13.46
N04 QQ7 G . 15.27 17.39 12.10
C03 QQ7 G . 17.59 15.55 13.44
C04 QQ7 G . 18.17 20.34 14.29
C05 QQ7 G . 18.18 17.94 13.68
C06 QQ7 G . 14.60 16.20 11.59
C07 QQ7 G . 15.28 20.98 12.21
C08 QQ7 G . 15.15 18.61 11.50
O01 QQ7 G . 19.39 17.77 13.79
O02 QQ7 G . 14.71 18.82 10.38
N05 QQ7 G . 17.56 14.94 12.13
N06 QQ7 G . 15.47 15.27 10.89
C09 QQ7 G . 16.38 14.33 11.54
C10 QQ7 G . 18.68 14.69 11.39
C11 QQ7 G . 15.39 15.05 9.53
O03 QQ7 G . 14.65 15.65 8.76
N07 QQ7 G . 16.22 14.01 9.21
O04 QQ7 G . 19.78 15.18 11.58
N08 QQ7 G . 18.36 13.80 10.39
C12 QQ7 G . 16.94 13.50 10.37
C13 QQ7 G . 16.22 13.39 7.90
C14 QQ7 G . 19.36 13.07 9.65
N09 QQ7 G . 19.51 13.47 8.27
N10 QQ7 G . 17.36 13.68 7.08
N11 QQ7 G . 18.38 21.36 13.28
N12 QQ7 G . 16.40 21.84 11.91
C15 QQ7 G . 18.64 13.00 7.20
C16 QQ7 G . 17.30 14.50 5.99
C17 QQ7 G . 20.62 14.12 7.80
O05 QQ7 G . 16.35 15.19 5.67
N13 QQ7 G . 18.47 14.36 5.28
O06 QQ7 G . 21.50 14.63 8.47
N14 QQ7 G . 20.60 14.06 6.42
C18 QQ7 G . 19.39 13.45 5.91
C19 QQ7 G . 17.37 22.31 12.88
C20 QQ7 G . 19.60 21.61 12.72
C21 QQ7 G . 16.51 22.50 10.70
O07 QQ7 G . 15.83 22.31 9.72
N15 QQ7 G . 17.48 23.46 10.82
O08 QQ7 G . 20.61 20.97 12.91
N16 QQ7 G . 19.51 22.78 12.02
C22 QQ7 G . 18.18 23.37 12.08
N17 QQ7 G . 18.76 24.31 8.95
N18 QQ7 G . 20.80 23.54 10.06
C23 QQ7 G . 18.56 23.96 7.64
C24 QQ7 G . 20.16 24.55 9.25
C25 QQ7 G . 21.77 22.85 9.36
O09 QQ7 G . 22.50 21.98 9.82
N19 QQ7 G . 21.84 23.37 8.10
O10 QQ7 G . 17.47 23.71 7.13
N20 QQ7 G . 19.75 24.01 6.99
C26 QQ7 G . 22.90 23.05 7.17
C27 QQ7 G . 20.84 24.40 7.86
C28 QQ7 G . 19.86 23.87 5.55
N21 QQ7 G . 22.55 22.07 6.16
N22 QQ7 G . 20.41 22.61 5.10
C29 QQ7 G . 22.99 20.77 6.20
C30 QQ7 G . 21.84 22.36 4.94
C31 QQ7 G . 19.65 21.56 4.67
O11 QQ7 G . 18.43 21.50 4.71
N23 QQ7 G . 20.48 20.65 4.06
O12 QQ7 G . 23.62 20.26 7.11
N24 QQ7 G . 22.68 20.17 5.01
C32 QQ7 G . 19.98 19.61 3.17
C33 QQ7 G . 23.27 18.91 4.59
C34 QQ7 G . 21.88 21.02 4.15
N25 QQ7 G . 22.36 17.79 4.60
N26 QQ7 G . 20.15 18.24 3.62
C35 QQ7 G . 22.45 16.76 5.48
C36 QQ7 G . 21.41 17.52 3.53
C37 QQ7 G . 19.09 17.40 3.87
O13 QQ7 G . 17.92 17.74 3.93
N27 QQ7 G . 19.55 16.12 3.94
O QQ7 G . 23.12 16.75 6.51
N QQ7 G . 21.70 15.71 5.02
C38 QQ7 G . 20.99 16.04 3.81
C39 QQ7 G . 17.67 24.52 9.88
C40 QQ7 G . 20.69 23.46 11.50
C41 QQ7 G . 21.75 14.39 5.61
C QQ7 G . 18.67 14.96 3.97
C1 BMA H . 9.31 -3.77 -13.59
C2 BMA H . 9.42 -3.08 -15.00
C3 BMA H . 10.54 -3.82 -15.82
C4 BMA H . 11.84 -3.96 -14.95
C5 BMA H . 11.57 -4.70 -13.64
C6 BMA H . 12.85 -4.78 -12.80
O1 BMA H . 8.54 -2.97 -12.77
O2 BMA H . 9.80 -1.67 -14.87
O3 BMA H . 10.83 -3.18 -17.06
O4 BMA H . 12.88 -4.65 -15.65
O5 BMA H . 10.56 -3.93 -12.91
O6 BMA H . 12.51 -4.91 -11.40
C1 BMA I . 16.02 6.96 -3.54
C2 BMA I . 16.53 7.33 -4.93
C3 BMA I . 18.05 7.57 -4.90
C4 BMA I . 18.43 8.55 -3.76
C5 BMA I . 17.84 8.08 -2.42
C6 BMA I . 18.11 9.13 -1.30
O1 BMA I . 14.62 7.07 -3.62
O2 BMA I . 15.87 8.55 -5.43
O3 BMA I . 18.51 8.03 -6.13
O4 BMA I . 19.88 8.78 -3.60
O5 BMA I . 16.41 7.91 -2.57
O6 BMA I . 17.60 8.59 -0.10
NA NA J . 24.11 15.40 8.37
#